data_4XT7
#
_entry.id   4XT7
#
_cell.length_a   69.017
_cell.length_b   93.128
_cell.length_c   74.572
_cell.angle_alpha   90.000
_cell.angle_beta   90.000
_cell.angle_gamma   90.000
#
_symmetry.space_group_name_H-M   'C 2 2 21'
#
loop_
_entity.id
_entity.type
_entity.pdbx_description
1 polymer Rv2671
2 non-polymer 'NADP NICOTINAMIDE-ADENINE-DINUCLEOTIDE PHOSPHATE'
3 non-polymer TRIMETHOPRIM
4 non-polymer GLYCEROL
5 non-polymer DI(HYDROXYETHYL)ETHER
6 water water
#
_entity_poly.entity_id   1
_entity_poly.type   'polypeptide(L)'
_entity_poly.pdbx_seq_one_letter_code
;MPDSGQLGAADTPLRLLSSVHYLTDGELPQLYDYPDDGTWLRANFISSLDGGATVDGTSGAMAGPGDRFVFNLLRELADV
IVVGVGTVRIEGYSGVRMGVVQRQHRQARGQSEVPQLAIVTRSGRLDRDMAVFTRTEMAPLVLTTTAVADDTRQRLAGLA
EVIACSGDDPGTVDEAVLVSQLAARGLRRILTEGGPTLLGTFVERDVLDELCLTIAPYVVGGLARRIVTGPGQVLTRMRC
AHVLTDDSGYLYTRYVKT
;
_entity_poly.pdbx_strand_id   A
#
loop_
_chem_comp.id
_chem_comp.type
_chem_comp.name
_chem_comp.formula
GOL non-polymer GLYCEROL 'C3 H8 O3'
NAP non-polymer 'NADP NICOTINAMIDE-ADENINE-DINUCLEOTIDE PHOSPHATE' 'C21 H28 N7 O17 P3'
PEG non-polymer DI(HYDROXYETHYL)ETHER 'C4 H10 O3'
TOP non-polymer TRIMETHOPRIM 'C14 H18 N4 O3'
#
# COMPACT_ATOMS: atom_id res chain seq x y z
N PRO A 13 5.98 16.65 30.31
CA PRO A 13 6.48 15.93 29.14
C PRO A 13 5.43 15.88 28.01
N LEU A 14 4.20 16.34 28.30
CA LEU A 14 3.08 16.21 27.36
C LEU A 14 2.74 17.50 26.62
N ARG A 15 2.67 17.41 25.30
CA ARG A 15 2.33 18.56 24.48
C ARG A 15 0.98 18.35 23.82
N LEU A 16 0.14 19.37 23.88
CA LEU A 16 -1.14 19.30 23.22
C LEU A 16 -0.90 19.51 21.72
N LEU A 17 -1.42 18.61 20.90
CA LEU A 17 -1.47 18.83 19.46
C LEU A 17 -2.74 19.62 19.16
N SER A 18 -2.66 20.55 18.22
CA SER A 18 -3.89 21.08 17.61
C SER A 18 -3.58 21.55 16.18
N SER A 19 -4.63 21.93 15.46
CA SER A 19 -4.49 22.34 14.07
C SER A 19 -3.77 23.68 13.98
N VAL A 20 -2.58 23.67 13.40
CA VAL A 20 -1.77 24.86 13.33
C VAL A 20 -1.72 25.35 11.91
N HIS A 21 -2.13 24.49 10.98
CA HIS A 21 -1.93 24.81 9.58
C HIS A 21 -2.86 24.10 8.62
N TYR A 22 -3.63 24.89 7.87
CA TYR A 22 -4.42 24.37 6.76
C TYR A 22 -3.47 24.01 5.63
N LEU A 23 -3.59 22.79 5.12
CA LEU A 23 -2.68 22.32 4.09
C LEU A 23 -3.24 22.56 2.70
N THR A 24 -2.58 23.45 1.97
CA THR A 24 -2.87 23.66 0.56
C THR A 24 -2.57 22.34 -0.18
N ASP A 25 -3.06 22.20 -1.40
CA ASP A 25 -2.83 20.94 -2.10
C ASP A 25 -1.40 20.78 -2.66
N GLY A 26 -0.56 21.80 -2.49
CA GLY A 26 0.86 21.66 -2.80
C GLY A 26 1.67 21.13 -1.62
N GLU A 27 1.27 21.50 -0.41
CA GLU A 27 1.99 21.07 0.79
C GLU A 27 1.70 19.64 1.12
N LEU A 28 0.45 19.23 0.96
CA LEU A 28 0.04 17.88 1.30
C LEU A 28 0.91 16.81 0.64
N PRO A 29 1.19 16.94 -0.66
CA PRO A 29 2.11 15.93 -1.18
C PRO A 29 3.49 16.06 -0.60
N GLN A 30 3.91 17.26 -0.19
CA GLN A 30 5.25 17.42 0.39
C GLN A 30 5.36 16.64 1.70
N LEU A 31 4.26 16.64 2.45
CA LEU A 31 4.21 15.91 3.69
C LEU A 31 4.44 14.44 3.47
N TYR A 32 4.09 13.96 2.28
CA TYR A 32 4.14 12.54 2.00
C TYR A 32 5.13 12.26 0.91
N ASP A 33 6.07 13.19 0.71
CA ASP A 33 7.11 12.99 -0.29
C ASP A 33 7.78 11.65 -0.03
N TYR A 34 8.18 10.99 -1.10
CA TYR A 34 9.10 9.87 -0.97
C TYR A 34 10.50 10.45 -0.88
N PRO A 35 11.44 9.68 -0.32
CA PRO A 35 12.86 10.06 -0.40
C PRO A 35 13.29 10.39 -1.82
N ASP A 36 14.33 11.20 -1.95
CA ASP A 36 14.83 11.55 -3.27
C ASP A 36 15.39 10.33 -3.98
N ASP A 37 16.04 9.45 -3.22
CA ASP A 37 16.56 8.22 -3.79
C ASP A 37 16.34 7.02 -2.88
N GLY A 38 16.59 5.83 -3.43
CA GLY A 38 16.43 4.60 -2.68
C GLY A 38 15.00 4.10 -2.70
N THR A 39 14.84 2.83 -2.37
CA THR A 39 13.52 2.25 -2.39
C THR A 39 12.85 2.67 -1.10
N TRP A 40 11.57 3.00 -1.18
CA TRP A 40 10.83 3.34 0.02
C TRP A 40 9.53 2.57 0.01
N LEU A 41 9.30 1.80 1.06
CA LEU A 41 8.07 1.03 1.15
C LEU A 41 7.13 1.69 2.15
N ARG A 42 6.07 2.29 1.62
CA ARG A 42 5.12 2.98 2.45
C ARG A 42 3.85 2.17 2.51
N ALA A 43 3.28 2.05 3.69
CA ALA A 43 2.02 1.37 3.81
C ALA A 43 0.97 2.44 4.08
N ASN A 44 -0.15 2.32 3.40
CA ASN A 44 -1.30 3.12 3.78
C ASN A 44 -2.45 2.25 4.25
N PHE A 45 -2.84 2.43 5.51
CA PHE A 45 -3.95 1.70 6.08
C PHE A 45 -4.87 2.63 6.82
N ILE A 46 -6.08 2.13 7.06
CA ILE A 46 -7.03 2.86 7.86
C ILE A 46 -7.39 1.94 9.00
N SER A 47 -7.55 2.49 10.18
CA SER A 47 -7.91 1.70 11.32
C SER A 47 -8.93 2.43 12.18
N SER A 48 -9.84 1.69 12.81
CA SER A 48 -10.74 2.28 13.78
C SER A 48 -9.93 2.56 15.04
N LEU A 49 -10.53 3.31 15.96
CA LEU A 49 -9.92 3.59 17.25
C LEU A 49 -9.55 2.30 17.90
N ASP A 50 -10.44 1.31 17.79
CA ASP A 50 -10.18 0.05 18.48
C ASP A 50 -9.47 -0.99 17.63
N GLY A 51 -8.69 -0.51 16.66
CA GLY A 51 -7.75 -1.36 15.96
C GLY A 51 -8.37 -2.22 14.87
N GLY A 52 -9.63 -1.94 14.55
CA GLY A 52 -10.33 -2.66 13.50
C GLY A 52 -9.98 -2.19 12.11
N ALA A 53 -9.44 -3.10 11.30
CA ALA A 53 -9.04 -2.78 9.93
C ALA A 53 -10.22 -2.83 9.00
N THR A 54 -11.27 -3.53 9.41
CA THR A 54 -12.41 -3.69 8.53
C THR A 54 -13.69 -3.33 9.23
N VAL A 55 -14.64 -2.84 8.44
CA VAL A 55 -16.03 -2.77 8.83
C VAL A 55 -16.77 -3.52 7.73
N ASP A 56 -17.41 -4.62 8.11
CA ASP A 56 -18.15 -5.44 7.15
C ASP A 56 -17.21 -6.04 6.10
N GLY A 57 -16.04 -6.49 6.52
CA GLY A 57 -15.17 -7.26 5.63
C GLY A 57 -14.17 -6.44 4.85
N THR A 58 -14.42 -5.13 4.73
CA THR A 58 -13.44 -4.24 4.08
C THR A 58 -13.22 -2.96 4.87
N SER A 59 -12.31 -2.13 4.39
CA SER A 59 -11.95 -0.90 5.09
C SER A 59 -12.74 0.32 4.60
N GLY A 60 -13.47 0.14 3.50
CA GLY A 60 -14.20 1.21 2.83
C GLY A 60 -15.11 2.07 3.70
N ALA A 61 -15.88 1.42 4.58
CA ALA A 61 -16.90 2.12 5.36
C ALA A 61 -16.34 3.15 6.35
N MET A 62 -15.05 3.03 6.68
CA MET A 62 -14.35 4.00 7.53
C MET A 62 -13.71 5.10 6.69
N ALA A 63 -13.50 4.82 5.41
CA ALA A 63 -12.84 5.77 4.52
C ALA A 63 -13.77 6.93 4.13
N GLY A 64 -13.76 8.00 4.93
CA GLY A 64 -14.48 9.22 4.61
C GLY A 64 -13.77 10.00 3.52
N PRO A 65 -14.26 11.20 3.19
CA PRO A 65 -13.68 12.00 2.10
C PRO A 65 -12.23 12.36 2.39
N GLY A 66 -11.93 12.67 3.64
CA GLY A 66 -10.57 12.97 4.02
C GLY A 66 -9.62 11.83 3.69
N ASP A 67 -9.98 10.64 4.12
CA ASP A 67 -9.12 9.49 3.92
C ASP A 67 -9.02 9.10 2.47
N ARG A 68 -10.07 9.36 1.71
CA ARG A 68 -10.03 9.00 0.29
C ARG A 68 -9.07 9.92 -0.43
N PHE A 69 -9.03 11.16 0.04
CA PHE A 69 -8.18 12.16 -0.56
C PHE A 69 -6.74 11.79 -0.31
N VAL A 70 -6.42 11.45 0.95
CA VAL A 70 -5.05 11.07 1.29
C VAL A 70 -4.66 9.80 0.55
N PHE A 71 -5.56 8.82 0.54
CA PHE A 71 -5.38 7.54 -0.12
C PHE A 71 -5.04 7.72 -1.60
N ASN A 72 -5.82 8.53 -2.29
CA ASN A 72 -5.55 8.81 -3.70
C ASN A 72 -4.27 9.59 -3.85
N LEU A 73 -4.01 10.50 -2.92
CA LEU A 73 -2.72 11.21 -2.97
C LEU A 73 -1.56 10.24 -2.87
N LEU A 74 -1.63 9.28 -1.93
CA LEU A 74 -0.52 8.35 -1.75
C LEU A 74 -0.32 7.51 -3.00
N ARG A 75 -1.43 7.07 -3.61
CA ARG A 75 -1.35 6.38 -4.89
C ARG A 75 -0.70 7.28 -5.91
N GLU A 76 -1.07 8.55 -5.86
CA GLU A 76 -0.60 9.50 -6.85
C GLU A 76 0.92 9.64 -6.74
N LEU A 77 1.43 9.54 -5.51
CA LEU A 77 2.84 9.73 -5.27
C LEU A 77 3.66 8.48 -5.58
N ALA A 78 2.97 7.33 -5.62
CA ALA A 78 3.68 6.05 -5.64
C ALA A 78 4.09 5.69 -7.06
N ASP A 79 5.18 4.93 -7.18
CA ASP A 79 5.56 4.34 -8.47
C ASP A 79 4.78 3.06 -8.69
N VAL A 80 4.47 2.38 -7.59
CA VAL A 80 3.75 1.12 -7.71
C VAL A 80 2.98 0.90 -6.42
N ILE A 81 1.81 0.29 -6.55
CA ILE A 81 1.00 -0.02 -5.40
C ILE A 81 1.00 -1.52 -5.26
N VAL A 82 1.56 -1.98 -4.16
CA VAL A 82 1.75 -3.40 -3.94
C VAL A 82 0.64 -3.83 -3.07
N VAL A 83 -0.07 -4.87 -3.49
CA VAL A 83 -1.23 -5.32 -2.74
C VAL A 83 -1.28 -6.85 -2.74
N GLY A 84 -1.61 -7.43 -1.59
CA GLY A 84 -1.71 -8.87 -1.48
C GLY A 84 -2.88 -9.32 -2.33
N VAL A 85 -2.86 -10.56 -2.78
CA VAL A 85 -3.93 -11.01 -3.66
C VAL A 85 -5.30 -11.07 -2.95
N GLY A 86 -5.29 -11.32 -1.64
CA GLY A 86 -6.50 -11.35 -0.88
C GLY A 86 -7.22 -10.02 -0.88
N THR A 87 -6.48 -8.94 -0.63
CA THR A 87 -7.06 -7.60 -0.64
C THR A 87 -7.60 -7.29 -2.02
N VAL A 88 -6.84 -7.67 -3.06
CA VAL A 88 -7.25 -7.49 -4.45
C VAL A 88 -8.62 -8.09 -4.72
N ARG A 89 -8.83 -9.33 -4.27
CA ARG A 89 -10.14 -9.98 -4.41
C ARG A 89 -11.17 -9.33 -3.49
N ILE A 90 -10.86 -9.28 -2.19
CA ILE A 90 -11.79 -8.81 -1.18
C ILE A 90 -12.22 -7.35 -1.32
N GLU A 91 -11.27 -6.45 -1.63
CA GLU A 91 -11.64 -5.03 -1.80
C GLU A 91 -11.95 -4.67 -3.25
N GLY A 92 -12.05 -5.70 -4.11
CA GLY A 92 -12.40 -5.50 -5.51
C GLY A 92 -11.46 -4.52 -6.17
N TYR A 93 -10.16 -4.79 -6.08
CA TYR A 93 -9.18 -3.93 -6.74
C TYR A 93 -9.35 -3.96 -8.24
N SER A 94 -9.40 -2.78 -8.82
CA SER A 94 -9.33 -2.61 -10.26
C SER A 94 -8.07 -1.82 -10.50
N GLY A 95 -7.84 -1.43 -11.75
CA GLY A 95 -6.71 -0.59 -12.07
C GLY A 95 -6.72 0.68 -11.24
N VAL A 96 -5.53 1.21 -11.00
CA VAL A 96 -5.41 2.49 -10.36
C VAL A 96 -6.01 3.55 -11.29
N ARG A 97 -6.81 4.44 -10.74
CA ARG A 97 -7.36 5.53 -11.53
C ARG A 97 -6.54 6.77 -11.24
N MET A 98 -6.16 7.48 -12.29
CA MET A 98 -5.52 8.78 -12.11
C MET A 98 -6.22 9.80 -12.98
N GLY A 99 -6.71 10.85 -12.33
CA GLY A 99 -7.34 11.94 -13.06
C GLY A 99 -6.28 12.74 -13.80
N VAL A 100 -6.74 13.61 -14.68
CA VAL A 100 -5.87 14.41 -15.53
C VAL A 100 -4.85 15.16 -14.69
N VAL A 101 -5.30 15.74 -13.59
CA VAL A 101 -4.40 16.50 -12.73
C VAL A 101 -3.42 15.55 -12.03
N GLN A 102 -3.90 14.38 -11.64
CA GLN A 102 -3.05 13.40 -10.97
C GLN A 102 -1.95 12.98 -11.93
N ARG A 103 -2.35 12.59 -13.13
CA ARG A 103 -1.41 12.28 -14.23
C ARG A 103 -0.40 13.40 -14.47
N GLN A 104 -0.90 14.64 -14.54
CA GLN A 104 -0.05 15.82 -14.74
C GLN A 104 1.02 15.96 -13.67
N HIS A 105 0.58 15.93 -12.41
CA HIS A 105 1.50 15.95 -11.29
C HIS A 105 2.49 14.79 -11.37
N ARG A 106 2.01 13.61 -11.77
CA ARG A 106 2.90 12.46 -11.88
C ARG A 106 3.97 12.65 -12.96
N GLN A 107 3.57 13.20 -14.11
CA GLN A 107 4.52 13.45 -15.20
C GLN A 107 5.52 14.48 -14.75
N ALA A 108 5.00 15.55 -14.14
CA ALA A 108 5.85 16.59 -13.58
C ALA A 108 6.95 16.03 -12.69
N ARG A 109 6.69 14.92 -12.00
CA ARG A 109 7.72 14.27 -11.18
C ARG A 109 8.54 13.23 -11.94
N GLY A 110 8.32 13.12 -13.24
CA GLY A 110 9.07 12.16 -14.05
C GLY A 110 8.52 10.75 -13.90
N GLN A 111 7.28 10.67 -13.41
CA GLN A 111 6.61 9.38 -13.23
C GLN A 111 5.66 9.12 -14.38
N SER A 112 5.36 7.84 -14.59
CA SER A 112 4.35 7.42 -15.55
C SER A 112 3.01 8.07 -15.19
N GLU A 113 2.02 7.99 -16.08
CA GLU A 113 0.75 8.65 -15.79
C GLU A 113 -0.04 8.00 -14.66
N VAL A 114 -0.05 6.67 -14.61
CA VAL A 114 -0.65 5.98 -13.47
C VAL A 114 0.33 4.93 -12.89
N PRO A 115 0.34 4.81 -11.57
CA PRO A 115 1.20 3.80 -10.95
C PRO A 115 0.68 2.42 -11.31
N GLN A 116 1.57 1.46 -11.25
CA GLN A 116 1.24 0.09 -11.54
C GLN A 116 0.69 -0.56 -10.28
N LEU A 117 0.03 -1.69 -10.48
CA LEU A 117 -0.39 -2.50 -9.36
C LEU A 117 0.57 -3.67 -9.34
N ALA A 118 1.02 -4.05 -8.14
CA ALA A 118 1.80 -5.26 -7.99
C ALA A 118 1.01 -6.15 -7.04
N ILE A 119 0.63 -7.31 -7.54
CA ILE A 119 -0.11 -8.26 -6.73
C ILE A 119 0.83 -9.30 -6.16
N VAL A 120 0.78 -9.47 -4.85
CA VAL A 120 1.70 -10.39 -4.21
C VAL A 120 1.01 -11.71 -3.93
N THR A 121 1.65 -12.79 -4.35
CA THR A 121 1.09 -14.11 -4.14
C THR A 121 2.19 -15.14 -4.03
N ARG A 122 2.20 -15.90 -2.96
CA ARG A 122 3.14 -17.00 -2.83
C ARG A 122 2.66 -18.16 -3.69
N SER A 123 1.34 -18.32 -3.79
CA SER A 123 0.76 -19.48 -4.49
C SER A 123 0.90 -19.35 -6.00
N GLY A 124 0.63 -18.16 -6.53
CA GLY A 124 0.66 -17.94 -7.95
C GLY A 124 -0.74 -18.16 -8.49
N ARG A 125 -1.65 -18.64 -7.63
CA ARG A 125 -3.00 -19.01 -8.06
C ARG A 125 -3.90 -17.79 -8.28
N LEU A 126 -3.54 -17.00 -9.29
CA LEU A 126 -4.38 -15.93 -9.80
C LEU A 126 -5.12 -16.43 -11.03
N ASP A 127 -6.34 -15.94 -11.23
CA ASP A 127 -7.14 -16.27 -12.41
C ASP A 127 -6.90 -15.23 -13.49
N ARG A 128 -7.03 -15.64 -14.75
CA ARG A 128 -7.01 -14.68 -15.86
C ARG A 128 -8.17 -13.71 -15.76
N ASP A 129 -9.23 -14.13 -15.08
CA ASP A 129 -10.42 -13.30 -14.94
C ASP A 129 -10.50 -12.59 -13.58
N MET A 130 -9.86 -11.42 -13.45
CA MET A 130 -9.92 -10.60 -12.24
C MET A 130 -9.90 -9.13 -12.62
N ALA A 131 -10.60 -8.27 -11.87
CA ALA A 131 -10.69 -6.85 -12.26
C ALA A 131 -9.33 -6.17 -12.27
N VAL A 132 -8.38 -6.75 -11.56
CA VAL A 132 -7.06 -6.17 -11.54
C VAL A 132 -6.45 -6.33 -12.92
N PHE A 133 -6.87 -7.38 -13.62
CA PHE A 133 -6.39 -7.61 -14.99
C PHE A 133 -7.29 -6.91 -15.99
N THR A 134 -8.57 -6.77 -15.64
CA THR A 134 -9.58 -6.32 -16.60
C THR A 134 -9.80 -4.81 -16.65
N ARG A 135 -10.14 -4.20 -15.53
CA ARG A 135 -10.41 -2.76 -15.55
C ARG A 135 -9.12 -2.00 -15.21
N THR A 136 -8.11 -2.10 -16.08
CA THR A 136 -6.79 -1.55 -15.76
C THR A 136 -6.04 -0.93 -16.94
N GLU A 137 -5.61 0.31 -16.76
CA GLU A 137 -4.90 1.03 -17.79
C GLU A 137 -3.53 0.40 -18.02
N MET A 138 -2.77 0.19 -16.93
CA MET A 138 -1.49 -0.53 -17.03
C MET A 138 -1.67 -1.96 -16.54
N ALA A 139 -1.17 -2.93 -17.31
CA ALA A 139 -1.02 -4.29 -16.81
C ALA A 139 -0.29 -4.27 -15.46
N PRO A 140 -0.75 -5.10 -14.51
CA PRO A 140 -0.15 -5.10 -13.17
C PRO A 140 1.02 -6.06 -13.09
N LEU A 141 1.85 -5.90 -12.07
CA LEU A 141 2.89 -6.89 -11.81
C LEU A 141 2.31 -7.92 -10.88
N VAL A 142 2.81 -9.13 -11.00
CA VAL A 142 2.45 -10.17 -10.05
C VAL A 142 3.76 -10.53 -9.37
N LEU A 143 3.84 -10.30 -8.07
CA LEU A 143 5.06 -10.55 -7.31
C LEU A 143 4.90 -11.87 -6.61
N THR A 144 5.69 -12.85 -7.02
CA THR A 144 5.49 -14.20 -6.56
C THR A 144 6.82 -14.92 -6.36
N THR A 145 6.79 -16.24 -6.27
CA THR A 145 7.98 -16.99 -5.93
C THR A 145 8.65 -17.57 -7.16
N THR A 146 9.93 -17.87 -7.03
CA THR A 146 10.68 -18.51 -8.10
C THR A 146 10.01 -19.81 -8.48
N ALA A 147 9.56 -20.56 -7.47
CA ALA A 147 8.99 -21.89 -7.70
C ALA A 147 7.83 -21.87 -8.69
N VAL A 148 7.00 -20.84 -8.63
CA VAL A 148 5.76 -20.82 -9.40
C VAL A 148 5.72 -19.69 -10.42
N ALA A 149 6.78 -18.90 -10.51
CA ALA A 149 6.77 -17.72 -11.38
C ALA A 149 6.55 -18.11 -12.83
N ASP A 150 7.12 -19.24 -13.23
CA ASP A 150 7.07 -19.60 -14.64
C ASP A 150 5.66 -20.00 -15.08
N ASP A 151 5.06 -20.96 -14.38
CA ASP A 151 3.69 -21.35 -14.70
C ASP A 151 2.75 -20.17 -14.55
N THR A 152 2.98 -19.34 -13.53
CA THR A 152 2.17 -18.15 -13.30
C THR A 152 2.28 -17.21 -14.51
N ARG A 153 3.52 -17.03 -14.97
CA ARG A 153 3.81 -16.17 -16.12
C ARG A 153 3.03 -16.62 -17.36
N GLN A 154 3.13 -17.92 -17.69
CA GLN A 154 2.37 -18.51 -18.79
C GLN A 154 0.86 -18.40 -18.60
N ARG A 155 0.37 -18.81 -17.44
CA ARG A 155 -1.07 -18.75 -17.16
C ARG A 155 -1.63 -17.31 -17.21
N LEU A 156 -0.76 -16.31 -17.03
CA LEU A 156 -1.19 -14.92 -16.99
C LEU A 156 -0.61 -14.12 -18.15
N ALA A 157 -0.05 -14.83 -19.12
CA ALA A 157 0.49 -14.22 -20.34
C ALA A 157 -0.49 -13.23 -20.96
N GLY A 158 -0.01 -12.00 -21.21
CA GLY A 158 -0.84 -10.94 -21.77
C GLY A 158 -1.51 -10.05 -20.74
N LEU A 159 -1.62 -10.55 -19.50
CA LEU A 159 -2.38 -9.86 -18.47
C LEU A 159 -1.48 -9.15 -17.46
N ALA A 160 -0.40 -9.83 -17.06
CA ALA A 160 0.50 -9.28 -16.05
C ALA A 160 1.96 -9.67 -16.31
N GLU A 161 2.87 -8.82 -15.84
CA GLU A 161 4.29 -9.17 -15.80
C GLU A 161 4.51 -9.94 -14.50
N VAL A 162 4.92 -11.20 -14.61
CA VAL A 162 5.13 -12.02 -13.43
C VAL A 162 6.60 -11.99 -13.02
N ILE A 163 6.85 -11.67 -11.76
CA ILE A 163 8.20 -11.42 -11.28
C ILE A 163 8.49 -12.35 -10.10
N ALA A 164 9.60 -13.09 -10.22
CA ALA A 164 10.02 -14.01 -9.17
C ALA A 164 10.62 -13.18 -8.05
N CYS A 165 10.10 -13.31 -6.84
CA CYS A 165 10.61 -12.50 -5.72
C CYS A 165 11.17 -13.31 -4.58
N SER A 166 11.63 -14.52 -4.90
CA SER A 166 12.30 -15.36 -3.91
C SER A 166 13.68 -14.82 -3.60
N GLY A 167 14.09 -15.00 -2.35
CA GLY A 167 15.48 -14.77 -1.99
C GLY A 167 16.15 -16.13 -2.00
N ASP A 168 16.52 -16.63 -0.81
CA ASP A 168 17.20 -17.91 -0.69
C ASP A 168 16.27 -19.08 -0.90
N ASP A 169 15.00 -18.89 -0.59
CA ASP A 169 14.01 -19.96 -0.67
C ASP A 169 13.13 -19.72 -1.90
N PRO A 170 13.24 -20.60 -2.90
CA PRO A 170 12.49 -20.42 -4.15
C PRO A 170 10.98 -20.64 -3.94
N GLY A 171 10.59 -21.16 -2.80
CA GLY A 171 9.18 -21.45 -2.54
C GLY A 171 8.42 -20.35 -1.82
N THR A 172 9.14 -19.31 -1.38
CA THR A 172 8.50 -18.16 -0.74
C THR A 172 8.94 -16.85 -1.35
N VAL A 173 8.23 -15.79 -1.00
CA VAL A 173 8.65 -14.45 -1.37
C VAL A 173 9.56 -13.90 -0.28
N ASP A 174 10.70 -13.35 -0.68
CA ASP A 174 11.53 -12.64 0.28
C ASP A 174 11.12 -11.18 0.07
N GLU A 175 10.51 -10.58 1.10
CA GLU A 175 9.90 -9.25 0.95
C GLU A 175 10.95 -8.19 0.60
N ALA A 176 12.20 -8.40 1.04
CA ALA A 176 13.29 -7.51 0.68
C ALA A 176 13.58 -7.63 -0.82
N VAL A 177 13.54 -8.85 -1.34
CA VAL A 177 13.71 -9.05 -2.77
C VAL A 177 12.55 -8.38 -3.51
N LEU A 178 11.33 -8.65 -3.07
CA LEU A 178 10.13 -8.01 -3.61
C LEU A 178 10.36 -6.52 -3.83
N VAL A 179 10.79 -5.85 -2.76
CA VAL A 179 11.08 -4.42 -2.81
C VAL A 179 12.14 -4.10 -3.88
N SER A 180 13.25 -4.84 -3.89
CA SER A 180 14.33 -4.66 -4.88
C SER A 180 13.89 -4.98 -6.30
N GLN A 181 13.05 -6.00 -6.43
CA GLN A 181 12.51 -6.37 -7.74
C GLN A 181 11.71 -5.20 -8.30
N LEU A 182 11.01 -4.47 -7.43
CA LEU A 182 10.26 -3.32 -7.87
C LEU A 182 11.21 -2.19 -8.19
N ALA A 183 12.16 -1.95 -7.29
CA ALA A 183 13.14 -0.88 -7.48
C ALA A 183 13.94 -1.13 -8.76
N ALA A 184 14.33 -2.38 -8.96
CA ALA A 184 15.08 -2.77 -10.17
C ALA A 184 14.34 -2.35 -11.44
N ARG A 185 13.01 -2.27 -11.35
CA ARG A 185 12.24 -1.79 -12.48
C ARG A 185 11.87 -0.31 -12.37
N GLY A 186 12.56 0.42 -11.49
CA GLY A 186 12.36 1.85 -11.42
C GLY A 186 11.08 2.18 -10.69
N LEU A 187 10.56 1.18 -9.98
CA LEU A 187 9.40 1.36 -9.13
C LEU A 187 9.88 1.40 -7.69
N ARG A 188 10.70 2.40 -7.36
CA ARG A 188 11.31 2.49 -6.03
C ARG A 188 10.40 3.18 -5.00
N ARG A 189 9.48 4.03 -5.47
CA ARG A 189 8.54 4.65 -4.54
C ARG A 189 7.33 3.75 -4.42
N ILE A 190 7.37 2.91 -3.40
CA ILE A 190 6.42 1.83 -3.24
C ILE A 190 5.36 2.23 -2.23
N LEU A 191 4.12 1.85 -2.52
CA LEU A 191 3.03 2.03 -1.59
C LEU A 191 2.39 0.68 -1.51
N THR A 192 2.12 0.21 -0.30
CA THR A 192 1.29 -0.98 -0.18
C THR A 192 0.05 -0.60 0.58
N GLU A 193 -1.08 -1.14 0.15
CA GLU A 193 -2.33 -0.87 0.82
C GLU A 193 -2.80 -2.17 1.41
N GLY A 194 -1.87 -3.08 1.63
CA GLY A 194 -2.21 -4.33 2.30
C GLY A 194 -2.37 -5.51 1.39
N GLY A 195 -3.05 -6.54 1.88
CA GLY A 195 -3.68 -6.48 3.19
C GLY A 195 -2.85 -6.79 4.42
N PRO A 196 -3.54 -7.07 5.53
CA PRO A 196 -2.89 -7.37 6.82
C PRO A 196 -1.93 -8.54 6.75
N THR A 197 -2.22 -9.60 6.00
CA THR A 197 -1.22 -10.65 5.87
C THR A 197 -0.01 -10.07 5.23
N LEU A 198 -0.20 -9.41 4.09
CA LEU A 198 0.93 -8.82 3.38
C LEU A 198 1.67 -7.83 4.27
N LEU A 199 0.93 -6.99 4.98
CA LEU A 199 1.60 -5.97 5.79
C LEU A 199 2.38 -6.66 6.89
N GLY A 200 1.80 -7.75 7.41
CA GLY A 200 2.44 -8.54 8.45
C GLY A 200 3.81 -9.00 8.00
N THR A 201 3.88 -9.47 6.75
CA THR A 201 5.15 -9.96 6.23
C THR A 201 6.15 -8.83 6.06
N PHE A 202 5.67 -7.67 5.62
CA PHE A 202 6.58 -6.52 5.44
C PHE A 202 7.18 -6.19 6.78
N VAL A 203 6.32 -6.27 7.80
CA VAL A 203 6.74 -6.00 9.14
C VAL A 203 7.78 -7.02 9.64
N GLU A 204 7.45 -8.31 9.58
CA GLU A 204 8.37 -9.39 9.99
C GLU A 204 9.71 -9.29 9.29
N ARG A 205 9.68 -9.00 8.00
CA ARG A 205 10.90 -8.95 7.21
C ARG A 205 11.59 -7.58 7.39
N ASP A 206 10.99 -6.75 8.25
CA ASP A 206 11.53 -5.43 8.54
C ASP A 206 11.81 -4.61 7.27
N VAL A 207 10.90 -4.61 6.31
CA VAL A 207 11.13 -3.82 5.09
C VAL A 207 10.14 -2.67 4.97
N LEU A 208 9.26 -2.54 5.96
CA LEU A 208 8.30 -1.46 5.97
C LEU A 208 9.02 -0.21 6.45
N ASP A 209 9.15 0.79 5.59
CA ASP A 209 9.85 2.01 5.97
C ASP A 209 8.89 2.97 6.61
N GLU A 210 7.64 2.89 6.21
CA GLU A 210 6.71 3.93 6.55
C GLU A 210 5.32 3.36 6.68
N LEU A 211 4.62 3.81 7.71
CA LEU A 211 3.20 3.49 7.83
C LEU A 211 2.40 4.77 7.80
N CYS A 212 1.62 4.94 6.75
CA CYS A 212 0.60 5.97 6.79
C CYS A 212 -0.66 5.30 7.27
N LEU A 213 -1.17 5.82 8.38
CA LEU A 213 -2.25 5.17 9.07
C LEU A 213 -3.33 6.20 9.33
N THR A 214 -4.48 5.98 8.72
CA THR A 214 -5.65 6.75 9.05
C THR A 214 -6.34 6.10 10.23
N ILE A 215 -6.57 6.90 11.25
CA ILE A 215 -7.28 6.45 12.43
C ILE A 215 -8.67 7.05 12.29
N ALA A 216 -9.65 6.20 11.98
CA ALA A 216 -11.02 6.65 11.80
C ALA A 216 -11.65 6.78 13.18
N PRO A 217 -12.47 7.82 13.40
CA PRO A 217 -12.95 8.07 14.76
C PRO A 217 -14.16 7.18 15.07
N TYR A 218 -13.90 5.88 15.09
CA TYR A 218 -14.96 4.90 15.29
C TYR A 218 -14.46 3.84 16.22
N VAL A 219 -15.37 3.24 16.98
CA VAL A 219 -15.09 1.94 17.56
C VAL A 219 -15.99 0.95 16.86
N VAL A 220 -15.46 -0.22 16.49
CA VAL A 220 -16.21 -1.14 15.62
C VAL A 220 -16.53 -2.49 16.23
N GLY A 221 -16.13 -2.72 17.47
CA GLY A 221 -16.38 -4.01 18.07
C GLY A 221 -15.26 -4.97 17.73
N GLY A 222 -15.29 -6.16 18.35
CA GLY A 222 -14.13 -7.04 18.34
C GLY A 222 -14.01 -7.94 17.13
N LEU A 223 -15.09 -8.08 16.37
CA LEU A 223 -15.08 -8.93 15.18
C LEU A 223 -13.93 -8.63 14.19
N ALA A 224 -13.70 -7.34 13.88
CA ALA A 224 -12.69 -7.00 12.88
C ALA A 224 -11.29 -7.46 13.29
N ARG A 225 -10.51 -7.88 12.29
CA ARG A 225 -9.09 -8.16 12.45
C ARG A 225 -8.32 -6.84 12.41
N ARG A 226 -7.04 -6.89 12.76
CA ARG A 226 -6.21 -5.70 12.70
C ARG A 226 -5.69 -5.45 11.29
N ILE A 227 -4.96 -4.35 11.13
CA ILE A 227 -4.41 -4.01 9.84
C ILE A 227 -3.20 -4.89 9.56
N VAL A 228 -2.82 -5.69 10.57
CA VAL A 228 -1.73 -6.65 10.45
C VAL A 228 -2.18 -7.97 11.09
N THR A 229 -2.35 -9.01 10.26
CA THR A 229 -2.59 -10.36 10.76
C THR A 229 -1.36 -11.19 10.51
N GLY A 230 -1.37 -12.41 10.99
CA GLY A 230 -0.19 -13.25 10.91
C GLY A 230 0.31 -13.60 12.28
N PRO A 231 1.34 -14.46 12.35
CA PRO A 231 1.89 -14.98 13.59
C PRO A 231 3.03 -14.10 14.11
N GLY A 232 3.44 -13.11 13.32
CA GLY A 232 4.54 -12.25 13.70
C GLY A 232 4.31 -11.55 15.03
N GLN A 233 5.36 -11.48 15.84
CA GLN A 233 5.31 -10.61 16.99
C GLN A 233 6.61 -9.86 17.07
N VAL A 234 6.60 -8.65 16.51
CA VAL A 234 7.80 -7.82 16.57
C VAL A 234 7.52 -6.63 17.48
N LEU A 235 8.49 -5.76 17.61
CA LEU A 235 8.28 -4.54 18.38
C LEU A 235 9.03 -3.43 17.67
N THR A 236 8.67 -3.23 16.41
CA THR A 236 9.32 -2.24 15.57
C THR A 236 8.91 -0.82 15.98
N ARG A 237 9.88 -0.09 16.49
CA ARG A 237 9.70 1.30 16.86
C ARG A 237 9.60 2.17 15.62
N MET A 238 8.59 3.03 15.58
CA MET A 238 8.47 3.97 14.50
C MET A 238 8.36 5.37 15.05
N ARG A 239 8.66 6.33 14.19
CA ARG A 239 8.74 7.72 14.60
C ARG A 239 7.54 8.45 14.03
N CYS A 240 6.84 9.23 14.84
CA CYS A 240 5.70 9.96 14.34
C CYS A 240 6.18 11.16 13.51
N ALA A 241 6.04 11.05 12.18
CA ALA A 241 6.44 12.11 11.26
C ALA A 241 5.41 13.25 11.29
N HIS A 242 4.14 12.90 11.16
CA HIS A 242 3.12 13.91 11.21
C HIS A 242 1.78 13.30 11.55
N VAL A 243 0.88 14.17 12.00
CA VAL A 243 -0.48 13.77 12.20
C VAL A 243 -1.29 14.90 11.64
N LEU A 244 -2.20 14.56 10.71
CA LEU A 244 -3.10 15.54 10.11
C LEU A 244 -4.46 15.19 10.62
N THR A 245 -5.38 16.15 10.49
CA THR A 245 -6.71 15.90 10.93
C THR A 245 -7.62 16.62 9.98
N ASP A 246 -8.91 16.33 10.05
CA ASP A 246 -9.87 17.10 9.28
C ASP A 246 -10.98 17.48 10.26
N ASP A 247 -12.11 17.93 9.74
CA ASP A 247 -13.19 18.36 10.63
C ASP A 247 -13.95 17.16 11.19
N SER A 248 -13.71 15.99 10.62
CA SER A 248 -14.52 14.82 11.00
C SER A 248 -13.85 14.00 12.11
N GLY A 249 -12.70 14.44 12.58
CA GLY A 249 -12.06 13.75 13.68
C GLY A 249 -11.09 12.67 13.24
N TYR A 250 -10.89 12.52 11.93
CA TYR A 250 -9.92 11.56 11.45
C TYR A 250 -8.52 12.05 11.78
N LEU A 251 -7.63 11.11 12.11
CA LEU A 251 -6.21 11.41 12.24
C LEU A 251 -5.54 10.72 11.09
N TYR A 252 -4.79 11.50 10.31
CA TYR A 252 -4.05 10.95 9.18
C TYR A 252 -2.62 11.02 9.61
N THR A 253 -2.06 9.87 9.94
CA THR A 253 -0.78 9.85 10.59
C THR A 253 0.25 9.29 9.63
N ARG A 254 1.50 9.61 9.91
CA ARG A 254 2.57 9.10 9.10
C ARG A 254 3.69 8.76 10.05
N TYR A 255 4.05 7.49 10.07
CA TYR A 255 5.10 7.01 10.93
C TYR A 255 6.18 6.40 10.07
N VAL A 256 7.41 6.55 10.55
CA VAL A 256 8.59 6.18 9.79
C VAL A 256 9.44 5.34 10.73
N LYS A 257 9.99 4.23 10.22
CA LYS A 257 11.00 3.49 10.99
C LYS A 257 12.23 4.41 11.02
N THR A 258 12.99 4.47 12.11
CA THR A 258 12.94 3.57 13.27
C THR A 258 12.69 4.31 14.57
PA NAP B . -3.76 -9.86 1.73
O1A NAP B . -2.48 -9.70 2.57
O2A NAP B . -3.81 -8.88 0.58
O5B NAP B . -3.89 -11.28 1.10
C5B NAP B . -3.22 -12.38 1.55
C4B NAP B . -2.66 -13.18 0.41
O4B NAP B . -1.82 -12.35 -0.44
C3B NAP B . -1.84 -14.35 0.81
O3B NAP B . -2.58 -15.49 0.89
C2B NAP B . -0.91 -14.47 -0.29
O2B NAP B . -1.47 -14.97 -1.44
C1B NAP B . -0.61 -13.01 -0.56
N9A NAP B . 0.48 -12.52 0.30
C8A NAP B . 0.45 -11.65 1.32
N7A NAP B . 1.70 -11.53 1.78
C5A NAP B . 2.51 -12.32 1.04
C6A NAP B . 3.87 -12.59 1.03
N6A NAP B . 4.73 -11.97 1.99
N1A NAP B . 4.37 -13.45 0.12
C2A NAP B . 3.58 -14.05 -0.79
N3A NAP B . 2.27 -13.81 -0.81
C4A NAP B . 1.73 -12.95 0.10
O3 NAP B . -5.04 -9.64 2.61
PN NAP B . -5.53 -10.54 3.79
O1N NAP B . -4.43 -10.77 4.79
O2N NAP B . -6.07 -11.82 3.23
O5D NAP B . -6.68 -9.70 4.50
C5D NAP B . -7.86 -9.35 3.84
C4D NAP B . -8.72 -8.32 4.60
O4D NAP B . -8.04 -7.24 5.16
C3D NAP B . -9.81 -7.73 3.70
O3D NAP B . -10.99 -7.80 4.36
C2D NAP B . -9.45 -6.34 3.47
O2D NAP B . -10.55 -5.51 3.37
C1D NAP B . -8.66 -5.97 4.68
N1N NAP B . -7.80 -4.78 4.42
C2N NAP B . -7.84 -3.71 5.27
C3N NAP B . -7.06 -2.59 5.04
C7N NAP B . -7.08 -1.41 5.98
O7N NAP B . -6.34 -0.46 5.79
N7N NAP B . -8.00 -1.34 7.13
C4N NAP B . -6.24 -2.56 3.91
C5N NAP B . -6.22 -3.66 3.04
C6N NAP B . -7.02 -4.75 3.32
P2B NAP B . -1.45 -16.50 -1.83
O1X NAP B . -0.06 -17.08 -1.67
O2X NAP B . -1.90 -16.60 -3.28
O3X NAP B . -2.44 -17.24 -0.96
C1 TOP C . -8.42 3.01 2.78
N2 TOP C . -7.97 3.99 3.56
C3 TOP C . -6.65 3.87 3.95
N4 TOP C . -6.19 4.91 4.74
N5 TOP C . -5.80 2.84 3.64
C6 TOP C . -6.34 1.87 2.83
N7 TOP C . -5.47 0.84 2.52
C8 TOP C . -7.67 1.91 2.36
C9 TOP C . -8.32 0.92 1.48
C10 TOP C . -9.59 1.38 0.77
C11 TOP C . -9.71 2.62 0.10
C12 TOP C . -10.90 3.03 -0.51
O13 TOP C . -11.02 4.25 -1.18
C14 TOP C . -10.26 5.34 -0.70
C15 TOP C . -12.02 2.17 -0.49
O16 TOP C . -13.18 2.55 -1.10
C17 TOP C . -13.95 3.52 -0.40
C18 TOP C . -11.90 0.93 0.18
O19 TOP C . -12.97 0.06 0.22
C20 TOP C . -12.60 -1.32 0.01
C21 TOP C . -10.71 0.55 0.79
C1 GOL D . -9.23 2.03 -4.80
O1 GOL D . -10.05 3.15 -4.54
C2 GOL D . -9.96 0.76 -4.39
O2 GOL D . -9.30 -0.35 -4.97
C3 GOL D . -9.91 0.60 -2.89
O3 GOL D . -8.81 -0.23 -2.56
C1 PEG E . 18.24 -10.35 0.58
O1 PEG E . 17.45 -11.44 1.03
C2 PEG E . 17.36 -9.51 -0.34
O2 PEG E . 18.17 -8.69 -1.17
C3 PEG E . 17.46 -7.89 -2.10
C4 PEG E . 18.46 -6.99 -2.80
O4 PEG E . 18.47 -7.26 -4.19
#